data_2LYG
#
_entry.id   2LYG
#
_cell.length_a   1.000
_cell.length_b   1.000
_cell.length_c   1.000
_cell.angle_alpha   90.00
_cell.angle_beta   90.00
_cell.angle_gamma   90.00
#
_symmetry.space_group_name_H-M   'P 1'
#
loop_
_entity.id
_entity.type
_entity.pdbx_description
1 polymer "DNA (5'-D(P*GP*GP*TP*TP*GP*GP*TP*GP*TP*GP*GP*TP*TP*GP*G)-3')"
2 non-polymer '2-hydroxyethyl 6-deoxy-beta-L-galactopyranoside'
#
_entity_poly.entity_id   1
_entity_poly.type   'polydeoxyribonucleotide'
_entity_poly.pdbx_seq_one_letter_code
;(DG)(DG)(DT)(DT)(DG)(DG)(DT)(DG)(DT)(DG)(DG)(DT)(DT)(DG)(DG)
;
_entity_poly.pdbx_strand_id   A
#
loop_
_chem_comp.id
_chem_comp.type
_chem_comp.name
_chem_comp.formula
1CF L-saccharide '2-hydroxyethyl 6-deoxy-beta-L-galactopyranoside' 'C8 H16 O6'
DG DNA linking 2'-DEOXYGUANOSINE-5'-MONOPHOSPHATE 'C10 H14 N5 O7 P'
DT DNA linking THYMIDINE-5'-MONOPHOSPHATE 'C10 H15 N2 O8 P'
#
# COMPACT_ATOMS: atom_id res chain seq x y z
C4 1CF B . -6.39 -2.35 -3.26
C5 1CF B . -5.36 -1.55 -2.45
C6 1CF B . -5.54 -0.04 -2.50
C11 1CF B . -0.24 -4.09 -2.38
C12 1CF B . -1.59 -4.54 -2.92
C3 1CF B . -6.08 -3.85 -3.14
O11 1CF B . 0.80 -4.70 -3.10
C1 1CF B . -3.64 -3.26 -2.86
C2 1CF B . -4.64 -4.15 -3.61
O2 1CF B . -4.30 -5.52 -3.32
O3 1CF B . -7.01 -4.60 -3.95
O4 1CF B . -6.28 -1.97 -4.64
O5 1CF B . -4.02 -1.84 -2.97
O1 1CF B . -2.30 -3.43 -3.44
H4 1CF B . -7.39 -2.14 -2.90
H5 1CF B . -5.41 -1.88 -1.41
H61 1CF B . -5.07 0.40 -3.38
H62 1CF B . -5.13 0.46 -1.62
H63 1CF B . -6.60 0.20 -2.56
H11 1CF B . -0.18 -4.38 -1.33
H12 1CF B . -0.17 -3.00 -2.46
H21 1CF B . -1.47 -5.28 -3.70
H22 1CF B . -2.13 -4.99 -2.08
H3 1CF B . -6.20 -4.16 -2.10
H1 1CF B . -3.62 -3.54 -1.81
H2 1CF B . -4.57 -3.96 -4.69
HO2 1CF B . -5.11 -6.05 -3.24
HO3 1CF B . -7.52 -3.97 -4.47
HO4 1CF B . -5.45 -1.50 -4.80
C4 1CF B . -1.74 -0.02 0.59
C5 1CF B . -1.16 1.40 0.54
C6 1CF B . -2.11 2.46 -0.04
C11 1CF B . 4.61 1.27 -0.11
C12 1CF B . 3.53 0.21 0.07
C3 1CF B . -0.69 -1.00 1.16
O11 1CF B . 5.70 0.75 -0.83
C1 1CF B . 1.14 0.53 0.29
C2 1CF B . 0.63 -0.92 0.39
O2 1CF B . 1.55 -1.75 1.13
O3 1CF B . -1.16 -2.35 1.12
O4 1CF B . -2.08 -0.45 -0.75
O5 1CF B . 0.06 1.39 -0.26
O1 1CF B . 2.33 0.60 -0.57
H4 1CF B . -2.64 -0.03 1.21
H5 1CF B . -0.90 1.71 1.55
H61 1CF B . -1.61 3.12 -0.76
H62 1CF B . -2.52 3.09 0.75
H63 1CF B . -2.96 2.00 -0.57
H11 1CF B . 4.94 1.59 0.88
H12 1CF B . 4.19 2.13 -0.64
H21 1CF B . 3.85 -0.74 -0.36
H22 1CF B . 3.37 0.07 1.14
H3 1CF B . -0.52 -0.72 2.20
H1 1CF B . 1.40 0.90 1.28
H2 1CF B . 0.50 -1.34 -0.61
HO2 1CF B . 1.07 -2.58 1.30
HO3 1CF B . -2.13 -2.34 1.06
HO4 1CF B . -1.80 0.22 -1.39
C4 1CF B . -1.74 0.18 0.54
C5 1CF B . -1.16 1.60 0.52
C6 1CF B . -2.05 2.67 -0.10
C11 1CF B . 4.51 1.51 -0.12
C12 1CF B . 3.50 0.38 0.00
C3 1CF B . -0.72 -0.78 1.12
O11 1CF B . 5.67 0.98 -0.71
C1 1CF B . 1.12 0.70 0.28
C2 1CF B . 0.59 -0.74 0.33
O2 1CF B . 1.54 -1.59 1.00
O3 1CF B . -1.24 -2.12 1.04
O4 1CF B . -2.05 -0.22 -0.81
O5 1CF B . 0.09 1.57 -0.26
O1 1CF B . 2.28 0.76 -0.59
H4 1CF B . -2.65 0.17 1.16
H5 1CF B . -0.89 1.88 1.54
H61 1CF B . -2.78 2.28 -0.82
H62 1CF B . -1.48 3.43 -0.62
H63 1CF B . -2.60 3.17 0.69
H11 1CF B . 4.73 1.88 0.88
H12 1CF B . 4.10 2.30 -0.74
H21 1CF B . 3.87 -0.50 -0.54
H22 1CF B . 3.39 0.14 1.06
H3 1CF B . -0.53 -0.52 2.16
H1 1CF B . 1.39 1.03 1.28
H2 1CF B . 0.42 -1.10 -0.69
HO2 1CF B . 1.07 -2.36 1.34
HO3 1CF B . -1.47 -2.28 0.12
HO4 1CF B . -1.53 0.32 -1.44
C4 1CF B . -2.09 0.07 0.61
C5 1CF B . -1.27 1.36 0.51
C6 1CF B . -2.08 2.55 0.02
C11 1CF B . 4.09 0.56 -0.16
C12 1CF B . 3.07 -0.53 -0.46
C3 1CF B . -1.19 -1.10 0.95
O11 1CF B . 5.30 0.20 -0.79
C1 1CF B . 0.77 0.09 -0.03
C2 1CF B . -0.05 -1.22 -0.07
O2 1CF B . 0.77 -2.35 0.29
O3 1CF B . -2.00 -2.30 0.94
O4 1CF B . -2.71 -0.21 -0.66
O5 1CF B . -0.11 1.21 -0.39
O1 1CF B . 1.88 0.02 -0.99
H4 1CF B . -2.87 0.19 1.36
H5 1CF B . -0.88 1.57 1.51
H61 1CF B . -2.37 2.44 -1.01
H62 1CF B . -1.51 3.47 0.11
H63 1CF B . -2.96 2.64 0.64
H11 1CF B . 4.23 0.62 0.93
H12 1CF B . 3.74 1.52 -0.53
H21 1CF B . 3.47 -1.20 -1.22
H22 1CF B . 2.88 -1.09 0.44
H3 1CF B . -0.79 -0.96 1.95
H1 1CF B . 1.16 0.28 0.96
H2 1CF B . -0.43 -1.35 -1.08
HO2 1CF B . 1.04 -2.29 1.21
HO3 1CF B . -2.06 -2.61 0.03
HO4 1CF B . -3.50 -0.74 -0.50
C4 1CF B . -1.71 0.05 0.48
C5 1CF B . -1.05 1.43 0.48
C6 1CF B . -1.91 2.58 -0.04
C11 1CF B . 4.66 1.17 -0.14
C12 1CF B . 3.57 0.11 -0.06
C3 1CF B . -0.68 -0.95 1.03
O11 1CF B . 5.75 0.72 -0.89
C1 1CF B . 1.19 0.49 0.15
C2 1CF B . 0.61 -0.93 0.18
O2 1CF B . 1.62 -1.78 0.76
O3 1CF B . -1.25 -2.27 1.13
O4 1CF B . -2.08 -0.36 -0.87
O5 1CF B . 0.16 1.41 -0.36
O1 1CF B . 2.38 0.55 -0.70
H4 1CF B . -2.61 0.06 1.09
H5 1CF B . -0.74 1.65 1.50
H61 1CF B . -1.69 3.52 0.47
H62 1CF B . -2.97 2.38 0.10
H63 1CF B . -1.76 2.76 -1.10
H11 1CF B . 5.00 1.39 0.88
H12 1CF B . 4.24 2.08 -0.58
H21 1CF B . 3.90 -0.81 -0.55
H22 1CF B . 3.41 -0.07 1.00
H3 1CF B . -0.45 -0.63 2.05
H1 1CF B . 1.47 0.80 1.16
H2 1CF B . 0.40 -1.28 -0.84
HO2 1CF B . 1.22 -2.36 1.42
HO3 1CF B . -1.56 -2.55 0.26
HO4 1CF B . -1.57 0.15 -1.52
C4 1CF B . -2.14 -0.20 0.72
C5 1CF B . -1.33 1.12 0.62
C6 1CF B . -2.12 2.29 0.03
C11 1CF B . 4.08 0.34 0.00
C12 1CF B . 3.06 -0.77 -0.23
C3 1CF B . -1.24 -1.39 1.12
O11 1CF B . 5.29 -0.07 -0.61
C1 1CF B . 0.75 -0.19 0.14
C2 1CF B . -0.07 -1.51 0.12
O2 1CF B . 0.76 -2.66 0.41
O3 1CF B . -2.05 -2.59 1.07
O4 1CF B . -2.78 -0.63 -0.51
O5 1CF B . -0.16 0.91 -0.25
O1 1CF B . 1.87 -0.29 -0.81
H4 1CF B . -2.91 -0.05 1.48
H5 1CF B . -0.92 1.33 1.61
H61 1CF B . -1.73 3.29 0.24
H62 1CF B . -3.16 2.24 0.31
H63 1CF B . -2.09 2.15 -1.03
H11 1CF B . 4.21 0.48 1.07
H12 1CF B . 3.73 1.28 -0.45
H21 1CF B . 3.47 -1.51 -0.91
H22 1CF B . 2.86 -1.25 0.72
H3 1CF B . -0.89 -1.23 2.14
H1 1CF B . 1.15 0.03 1.12
H2 1CF B . -0.46 -1.63 -0.88
HO2 1CF B . 0.99 -2.73 1.34
HO3 1CF B . -2.54 -2.54 0.24
HO4 1CF B . -2.80 0.04 -1.19
C4 1CF B . -2.08 0.37 0.65
C5 1CF B . -1.39 1.74 0.54
C6 1CF B . -2.18 2.84 -0.14
C11 1CF B . 4.32 1.28 0.16
C12 1CF B . 3.20 0.26 0.35
C3 1CF B . -1.14 -0.64 1.29
O11 1CF B . 5.41 0.64 -0.46
C1 1CF B . 0.82 0.67 0.40
C2 1CF B . 0.20 -0.73 0.55
O2 1CF B . 1.05 -1.59 1.32
O3 1CF B . -1.75 -1.94 1.26
O4 1CF B . -2.41 -0.12 -0.67
O5 1CF B . -0.15 1.57 -0.24
O1 1CF B . 2.04 0.63 -0.41
H4 1CF B . -3.00 0.48 1.24
H5 1CF B . -1.11 2.07 1.54
H61 1CF B . -2.81 3.36 0.58
H62 1CF B . -2.82 2.47 -0.93
H63 1CF B . -1.53 3.59 -0.58
H11 1CF B . 4.63 1.65 1.14
H12 1CF B . 3.98 2.12 -0.44
H21 1CF B . 3.53 -0.72 0.00
H22 1CF B . 2.97 0.20 1.40
H3 1CF B . -0.96 -0.35 2.33
H1 1CF B . 1.06 1.08 1.39
H2 1CF B . 0.06 -1.16 -0.44
HO2 1CF B . 0.59 -2.44 1.41
HO3 1CF B . -2.15 -2.05 0.38
HO4 1CF B . -1.85 0.33 -1.33
C4 1CF B . -1.55 -0.18 0.35
C5 1CF B . -1.07 1.28 0.49
C6 1CF B . -2.07 2.32 0.04
C11 1CF B . 4.77 1.53 -0.38
C12 1CF B . 3.69 0.46 -0.17
C3 1CF B . -0.45 -1.13 0.82
O11 1CF B . 5.83 1.00 -1.12
C1 1CF B . 1.28 0.62 0.14
C2 1CF B . 0.88 -0.87 0.09
O2 1CF B . 1.88 -1.67 0.74
O3 1CF B . -0.84 -2.50 0.61
O4 1CF B . -1.81 -0.42 -1.05
O5 1CF B . 0.15 1.44 -0.32
O1 1CF B . 2.44 0.87 -0.72
H4 1CF B . -2.46 -0.33 0.93
H5 1CF B . -0.81 1.45 1.54
H61 1CF B . -2.31 2.23 -1.02
H62 1CF B . -1.66 3.33 0.20
H63 1CF B . -2.98 2.23 0.61
H11 1CF B . 5.13 1.85 0.59
H12 1CF B . 4.33 2.38 -0.91
H21 1CF B . 3.99 -0.48 -0.64
H22 1CF B . 3.58 0.30 0.91
H3 1CF B . -0.30 -0.98 1.90
H1 1CF B . 1.52 0.91 1.16
H2 1CF B . 0.79 -1.18 -0.96
HO2 1CF B . 1.67 -2.59 0.57
HO3 1CF B . -1.73 -2.63 0.95
HO4 1CF B . -1.29 0.17 -1.60
C4 1CF B . -1.85 -0.13 0.38
C5 1CF B . -1.24 1.25 0.61
C6 1CF B . -2.17 2.39 0.23
C11 1CF B . 4.56 1.16 -0.20
C12 1CF B . 3.42 0.21 0.11
C3 1CF B . -0.84 -1.19 0.77
O11 1CF B . 5.55 0.51 -0.97
C1 1CF B . 1.02 0.37 0.19
C2 1CF B . 0.45 -1.03 -0.06
O2 1CF B . 1.37 -2.04 0.38
O3 1CF B . -1.51 -2.44 0.54
O4 1CF B . -2.17 -0.28 -1.03
O5 1CF B . 0.00 1.36 -0.19
O1 1CF B . 2.25 0.63 -0.57
H4 1CF B . -2.74 -0.29 0.99
H5 1CF B . -0.96 1.27 1.67
H61 1CF B . -1.90 2.82 -0.74
H62 1CF B . -2.12 3.14 1.01
H63 1CF B . -3.17 1.97 0.17
H11 1CF B . 4.99 1.49 0.74
H12 1CF B . 4.18 2.03 -0.75
H21 1CF B . 3.66 -0.81 -0.20
H22 1CF B . 3.25 0.21 1.18
H3 1CF B . -0.60 -1.12 1.83
H1 1CF B . 1.22 0.53 1.26
H2 1CF B . 0.27 -1.14 -1.14
HO2 1CF B . 1.53 -1.94 1.33
HO3 1CF B . -0.89 -3.16 0.59
HO4 1CF B . -1.57 0.25 -1.57
C4 1CF B . -1.98 0.09 0.67
C5 1CF B . -1.18 1.39 0.48
C6 1CF B . -1.98 2.53 -0.11
C11 1CF B . 3.73 1.28 0.11
C12 1CF B . 3.25 -0.14 -0.18
C3 1CF B . -1.02 -0.99 1.21
O11 1CF B . 5.11 1.37 0.43
C1 1CF B . 0.88 0.12 0.10
C2 1CF B . 0.14 -1.20 0.26
O2 1CF B . 1.01 -2.17 0.85
O3 1CF B . -1.61 -2.30 1.37
O4 1CF B . -2.49 -0.32 -0.61
O5 1CF B . -0.03 1.15 -0.41
O1 1CF B . 1.99 -0.11 -0.82
H4 1CF B . -2.79 0.27 1.37
H5 1CF B . -0.80 1.71 1.45
H61 1CF B . -1.36 3.40 -0.28
H62 1CF B . -2.75 2.81 0.60
H63 1CF B . -2.45 2.26 -1.06
H11 1CF B . 3.19 1.65 0.98
H12 1CF B . 3.49 1.94 -0.72
H21 1CF B . 3.94 -0.61 -0.86
H22 1CF B . 3.23 -0.70 0.76
H3 1CF B . -0.68 -0.66 2.19
H1 1CF B . 1.26 0.44 1.07
H2 1CF B . -0.24 -1.56 -0.70
HO2 1CF B . 0.41 -2.83 1.20
HO3 1CF B . -2.56 -2.25 1.28
HO4 1CF B . -1.99 0.14 -1.30
C4 1CF B . -1.81 0.18 0.52
C5 1CF B . -1.09 1.53 0.47
C6 1CF B . -1.92 2.66 -0.15
C11 1CF B . 4.04 1.81 0.06
C12 1CF B . 3.54 0.37 -0.20
C3 1CF B . -0.84 -0.87 1.10
O11 1CF B . 5.43 1.91 0.29
C1 1CF B . 1.11 0.46 0.17
C2 1CF B . 0.45 -0.93 0.29
O2 1CF B . 1.35 -1.85 0.93
O3 1CF B . -1.47 -2.16 1.12
O4 1CF B . -2.16 -0.20 -0.82
O5 1CF B . 0.13 1.42 -0.35
O1 1CF B . 2.24 0.34 -0.76
H4 1CF B . -2.69 0.23 1.15
H5 1CF B . -0.80 1.82 1.48
H61 1CF B . -1.81 3.59 0.38
H62 1CF B . -2.97 2.40 -0.21
H63 1CF B . -1.60 2.83 -1.17
H11 1CF B . 3.54 2.18 0.94
H12 1CF B . 3.77 2.45 -0.77
H21 1CF B . 4.19 -0.11 -0.92
H22 1CF B . 3.57 -0.19 0.73
H3 1CF B . -0.60 -0.59 2.13
H1 1CF B . 1.46 0.80 1.14
H2 1CF B . 0.24 -1.31 -0.72
HO2 1CF B . 2.07 -2.05 0.32
HO3 1CF B . -0.82 -2.78 1.45
HO4 1CF B . -1.69 0.35 -1.45
C4 1CF B . -1.96 0.14 0.54
C5 1CF B . -1.16 1.44 0.51
C6 1CF B . -1.89 2.61 -0.10
C11 1CF B . 3.77 1.40 0.39
C12 1CF B . 3.36 -0.05 0.05
C3 1CF B . -1.11 -0.94 1.22
O11 1CF B . 5.12 1.56 0.74
C1 1CF B . 0.97 0.18 0.31
C2 1CF B . 0.21 -1.14 0.47
O2 1CF B . 1.04 -2.02 1.26
O3 1CF B . -1.83 -2.17 1.22
O4 1CF B . -2.23 -0.31 -0.80
O5 1CF B . 0.09 1.23 -0.25
O1 1CF B . 2.10 -0.05 -0.59
H4 1CF B . -2.90 0.29 1.07
H5 1CF B . -0.89 1.70 1.55
H61 1CF B . -2.19 2.43 -1.12
H62 1CF B . -1.31 3.53 -0.07
H63 1CF B . -2.77 2.78 0.48
H11 1CF B . 3.17 1.70 1.25
H12 1CF B . 3.50 2.06 -0.43
H21 1CF B . 4.07 -0.48 -0.65
H22 1CF B . 3.35 -0.65 0.95
H3 1CF B . -0.91 -0.64 2.25
H1 1CF B . 1.32 0.52 1.28
H2 1CF B . 0.04 -1.58 -0.51
HO2 1CF B . 0.46 -2.58 1.80
HO3 1CF B . -2.53 -2.08 0.56
HO4 1CF B . -2.08 0.44 -1.42
#